data_8Q39
#
_entry.id   8Q39
#
_cell.length_a   40.110
_cell.length_b   103.840
_cell.length_c   41.930
_cell.angle_alpha   90.000
_cell.angle_beta   104.360
_cell.angle_gamma   90.000
#
_symmetry.space_group_name_H-M   'P 1 21 1'
#
loop_
_entity.id
_entity.type
_entity.pdbx_description
1 polymer 'YTH domain-containing protein 1'
2 non-polymer 2-chloranyl-N-methyl-9-[[3-(1H-1,2,3,4-tetrazol-5-yl)phenyl]methyl]purin-6-amine
3 non-polymer 'SULFATE ION'
4 water water
#
_entity_poly.entity_id   1
_entity_poly.type   'polypeptide(L)'
_entity_poly.pdbx_seq_one_letter_code
;GTSKLKYVLQDARFFLIKSNNHENVSLAKAKGVWSTLPVNEKKLNLAFRSARSVILIFSVRESGKFQGFARLSSESHHGG
SPIHWVLPAGMSAKMLGGVFKIDWICRRELPFTKSAHLTNPWNEHKPVKIGRDGQEIELECGTQLCLLFPPDESIDLYQV
IHKMRH
;
_entity_poly.pdbx_strand_id   A,B
#
loop_
_chem_comp.id
_chem_comp.type
_chem_comp.name
_chem_comp.formula
K1O non-polymer 2-chloranyl-N-methyl-9-[[3-(1H-1,2,3,4-tetrazol-5-yl)phenyl]methyl]purin-6-amine 'C14 H12 Cl N9'
SO4 non-polymer 'SULFATE ION' 'O4 S -2'
#
# COMPACT_ATOMS: atom_id res chain seq x y z
N GLY A 1 5.66 0.37 -3.85
CA GLY A 1 6.67 0.86 -2.93
C GLY A 1 6.51 0.33 -1.52
N THR A 2 7.31 0.84 -0.60
CA THR A 2 7.23 0.45 0.81
C THR A 2 6.71 1.54 1.72
N SER A 3 6.35 2.72 1.18
CA SER A 3 5.95 3.82 2.04
C SER A 3 4.62 3.55 2.73
N LYS A 4 3.62 3.05 1.99
CA LYS A 4 2.36 2.73 2.66
C LYS A 4 2.54 1.63 3.70
N LEU A 5 3.36 0.63 3.41
CA LEU A 5 3.65 -0.41 4.41
C LEU A 5 4.27 0.18 5.66
N LYS A 6 5.25 1.06 5.51
CA LYS A 6 5.86 1.68 6.69
C LYS A 6 4.84 2.48 7.49
N TYR A 7 3.90 3.12 6.81
CA TYR A 7 2.87 3.86 7.51
C TYR A 7 1.99 2.92 8.33
N VAL A 8 1.63 1.77 7.77
CA VAL A 8 0.80 0.82 8.50
C VAL A 8 1.53 0.28 9.72
N LEU A 9 2.84 0.08 9.60
CA LEU A 9 3.64 -0.47 10.69
C LEU A 9 4.05 0.54 11.74
N GLN A 10 3.79 1.82 11.51
CA GLN A 10 4.19 2.85 12.46
C GLN A 10 3.49 2.60 13.79
N ASP A 11 4.29 2.51 14.85
CA ASP A 11 3.81 2.27 16.22
C ASP A 11 2.96 1.01 16.36
N ALA A 12 3.14 0.05 15.46
CA ALA A 12 2.39 -1.19 15.57
C ALA A 12 2.94 -2.05 16.72
N ARG A 13 2.13 -3.04 17.11
CA ARG A 13 2.61 -4.14 17.93
C ARG A 13 2.65 -5.40 17.08
N PHE A 14 3.56 -6.30 17.42
CA PHE A 14 3.83 -7.49 16.63
C PHE A 14 3.79 -8.74 17.49
N PHE A 15 3.18 -9.80 16.97
CA PHE A 15 3.10 -11.09 17.63
C PHE A 15 3.43 -12.23 16.69
N LEU A 16 4.24 -13.16 17.17
CA LEU A 16 4.56 -14.38 16.45
C LEU A 16 3.44 -15.39 16.59
N ILE A 17 2.95 -15.92 15.47
CA ILE A 17 1.92 -16.96 15.48
C ILE A 17 2.55 -18.24 14.97
N LYS A 18 2.48 -19.30 15.76
CA LYS A 18 3.01 -20.59 15.34
C LYS A 18 1.83 -21.54 15.10
N SER A 19 1.73 -22.03 13.87
CA SER A 19 0.69 -22.98 13.51
C SER A 19 1.32 -24.36 13.35
N ASN A 20 0.61 -25.38 13.83
CA ASN A 20 1.10 -26.74 13.72
C ASN A 20 0.94 -27.31 12.31
N ASN A 21 0.11 -26.71 11.46
CA ASN A 21 -0.07 -27.24 10.11
C ASN A 21 -0.32 -26.10 9.11
N HIS A 22 -0.09 -26.43 7.83
CA HIS A 22 -0.30 -25.48 6.75
C HIS A 22 -1.78 -25.25 6.45
N GLU A 23 -2.60 -26.28 6.64
CA GLU A 23 -4.02 -26.18 6.34
C GLU A 23 -4.67 -24.99 7.04
N ASN A 24 -4.37 -24.79 8.33
CA ASN A 24 -5.02 -23.67 9.02
C ASN A 24 -4.52 -22.32 8.50
N VAL A 25 -3.23 -22.22 8.14
CA VAL A 25 -2.75 -20.95 7.57
C VAL A 25 -3.37 -20.71 6.20
N SER A 26 -3.53 -21.76 5.41
CA SER A 26 -4.23 -21.62 4.13
C SER A 26 -5.67 -21.18 4.36
N LEU A 27 -6.36 -21.77 5.34
CA LEU A 27 -7.70 -21.35 5.67
C LEU A 27 -7.73 -19.88 6.11
N ALA A 28 -6.75 -19.47 6.92
CA ALA A 28 -6.71 -18.08 7.37
C ALA A 28 -6.51 -17.13 6.20
N LYS A 29 -5.67 -17.51 5.22
CA LYS A 29 -5.46 -16.65 4.06
C LYS A 29 -6.69 -16.55 3.17
N ALA A 30 -7.48 -17.62 3.08
CA ALA A 30 -8.66 -17.60 2.24
C ALA A 30 -9.82 -16.84 2.90
N LYS A 31 -9.97 -16.99 4.22
CA LYS A 31 -11.12 -16.47 4.93
C LYS A 31 -10.85 -15.21 5.74
N GLY A 32 -9.59 -14.89 6.02
CA GLY A 32 -9.31 -13.68 6.78
C GLY A 32 -9.64 -13.81 8.26
N VAL A 33 -9.34 -14.97 8.85
CA VAL A 33 -9.64 -15.27 10.24
C VAL A 33 -8.47 -16.02 10.87
N TRP A 34 -8.33 -15.88 12.19
CA TRP A 34 -7.36 -16.66 12.94
C TRP A 34 -7.91 -16.96 14.32
N SER A 35 -7.58 -18.15 14.83
CA SER A 35 -7.91 -18.51 16.20
C SER A 35 -6.66 -19.05 16.87
N THR A 36 -6.48 -18.72 18.16
CA THR A 36 -5.36 -19.15 18.95
C THR A 36 -5.88 -19.59 20.31
N LEU A 37 -4.98 -20.08 21.16
CA LEU A 37 -5.37 -20.60 22.45
C LEU A 37 -5.77 -19.47 23.38
N PRO A 38 -6.57 -19.77 24.42
CA PRO A 38 -7.13 -18.67 25.23
C PRO A 38 -6.10 -17.76 25.87
N VAL A 39 -4.94 -18.26 26.29
CA VAL A 39 -3.93 -17.35 26.83
C VAL A 39 -3.47 -16.32 25.81
N ASN A 40 -3.25 -16.72 24.56
CA ASN A 40 -2.89 -15.73 23.55
C ASN A 40 -4.07 -14.89 23.11
N GLU A 41 -5.28 -15.44 23.11
CA GLU A 41 -6.45 -14.66 22.70
C GLU A 41 -6.66 -13.49 23.64
N LYS A 42 -6.42 -13.70 24.94
CA LYS A 42 -6.48 -12.60 25.90
C LYS A 42 -5.43 -11.53 25.58
N LYS A 43 -4.20 -11.96 25.29
CA LYS A 43 -3.14 -10.99 24.97
C LYS A 43 -3.49 -10.20 23.71
N LEU A 44 -3.98 -10.88 22.67
CA LEU A 44 -4.29 -10.17 21.43
C LEU A 44 -5.44 -9.19 21.60
N ASN A 45 -6.46 -9.56 22.38
CA ASN A 45 -7.57 -8.64 22.61
C ASN A 45 -7.11 -7.38 23.32
N LEU A 46 -6.25 -7.54 24.34
CA LEU A 46 -5.67 -6.37 25.01
C LEU A 46 -4.86 -5.52 24.04
N ALA A 47 -4.02 -6.16 23.22
CA ALA A 47 -3.18 -5.41 22.31
C ALA A 47 -4.00 -4.65 21.26
N PHE A 48 -5.10 -5.24 20.80
CA PHE A 48 -5.92 -4.61 19.76
C PHE A 48 -6.43 -3.23 20.17
N ARG A 49 -6.79 -3.06 21.45
CA ARG A 49 -7.26 -1.76 21.92
C ARG A 49 -6.13 -0.78 22.20
N SER A 50 -4.89 -1.26 22.26
CA SER A 50 -3.76 -0.46 22.72
C SER A 50 -2.94 0.17 21.60
N ALA A 51 -3.10 -0.29 20.37
CA ALA A 51 -2.18 0.07 19.30
C ALA A 51 -2.97 0.34 18.03
N ARG A 52 -2.44 1.28 17.22
CA ARG A 52 -3.04 1.56 15.92
C ARG A 52 -3.11 0.30 15.06
N SER A 53 -2.07 -0.54 15.12
CA SER A 53 -2.01 -1.77 14.35
C SER A 53 -1.45 -2.88 15.23
N VAL A 54 -2.06 -4.06 15.13
CA VAL A 54 -1.53 -5.29 15.71
C VAL A 54 -1.26 -6.23 14.57
N ILE A 55 -0.01 -6.67 14.44
CA ILE A 55 0.44 -7.47 13.31
C ILE A 55 0.73 -8.87 13.81
N LEU A 56 0.16 -9.86 13.15
CA LEU A 56 0.45 -11.27 13.38
C LEU A 56 1.39 -11.75 12.29
N ILE A 57 2.49 -12.36 12.69
CA ILE A 57 3.48 -12.88 11.77
C ILE A 57 3.45 -14.38 11.90
N PHE A 58 3.10 -15.07 10.83
CA PHE A 58 2.77 -16.49 10.88
C PHE A 58 3.95 -17.36 10.51
N SER A 59 4.12 -18.48 11.24
CA SER A 59 5.10 -19.47 10.85
C SER A 59 4.53 -20.85 11.13
N VAL A 60 4.54 -21.71 10.11
CA VAL A 60 4.11 -23.10 10.26
C VAL A 60 5.27 -23.94 10.79
N ARG A 61 4.99 -24.72 11.84
CA ARG A 61 6.04 -25.50 12.49
C ARG A 61 6.71 -26.43 11.49
N GLU A 62 8.04 -26.53 11.60
CA GLU A 62 8.91 -27.35 10.77
C GLU A 62 9.05 -26.81 9.35
N SER A 63 8.37 -25.72 9.00
CA SER A 63 8.49 -25.22 7.64
C SER A 63 9.79 -24.45 7.40
N GLY A 64 10.45 -23.98 8.47
CA GLY A 64 11.63 -23.17 8.29
C GLY A 64 11.38 -21.80 7.70
N LYS A 65 10.13 -21.33 7.71
CA LYS A 65 9.81 -20.06 7.06
C LYS A 65 8.67 -19.37 7.82
N PHE A 66 8.54 -18.06 7.56
CA PHE A 66 7.29 -17.36 7.86
C PHE A 66 6.42 -17.41 6.62
N GLN A 67 5.10 -17.47 6.81
CA GLN A 67 4.18 -17.59 5.68
C GLN A 67 3.46 -16.29 5.33
N GLY A 68 3.69 -15.22 6.04
CA GLY A 68 3.17 -13.91 5.74
C GLY A 68 2.81 -13.22 7.02
N PHE A 69 2.18 -12.05 6.89
CA PHE A 69 1.72 -11.28 8.03
C PHE A 69 0.44 -10.54 7.71
N ALA A 70 -0.33 -10.27 8.77
CA ALA A 70 -1.68 -9.74 8.66
C ALA A 70 -1.92 -8.80 9.82
N ARG A 71 -2.88 -7.92 9.68
CA ARG A 71 -3.25 -6.99 10.72
C ARG A 71 -4.59 -7.40 11.33
N LEU A 72 -4.68 -7.44 12.65
CA LEU A 72 -5.98 -7.63 13.29
C LEU A 72 -6.93 -6.51 12.86
N SER A 73 -8.13 -6.88 12.44
CA SER A 73 -9.15 -5.88 12.18
C SER A 73 -10.24 -5.84 13.24
N SER A 74 -10.23 -6.77 14.19
CA SER A 74 -11.27 -6.86 15.19
C SER A 74 -10.75 -7.61 16.40
N GLU A 75 -11.47 -7.49 17.51
CA GLU A 75 -11.27 -8.34 18.66
C GLU A 75 -11.83 -9.73 18.36
N SER A 76 -11.53 -10.70 19.21
CA SER A 76 -12.07 -12.04 19.00
C SER A 76 -13.57 -12.06 19.22
N HIS A 77 -14.26 -12.90 18.46
CA HIS A 77 -15.71 -13.03 18.57
C HIS A 77 -16.08 -14.51 18.55
N HIS A 78 -17.22 -14.82 19.18
CA HIS A 78 -17.67 -16.18 19.30
C HIS A 78 -19.01 -16.34 18.60
N GLY A 79 -19.38 -17.58 18.33
CA GLY A 79 -20.52 -17.86 17.44
C GLY A 79 -20.10 -17.82 15.98
N GLY A 80 -20.58 -16.81 15.24
CA GLY A 80 -20.22 -16.57 13.85
C GLY A 80 -20.31 -17.76 12.93
N SER A 81 -20.04 -17.55 11.65
CA SER A 81 -19.95 -18.67 10.74
C SER A 81 -18.79 -19.55 11.19
N PRO A 82 -18.96 -20.87 11.18
CA PRO A 82 -17.90 -21.76 11.68
C PRO A 82 -16.73 -21.81 10.72
N ILE A 83 -15.57 -22.18 11.27
CA ILE A 83 -14.33 -22.14 10.50
C ILE A 83 -14.02 -23.46 9.83
N HIS A 84 -13.72 -24.49 10.64
CA HIS A 84 -13.32 -25.86 10.25
C HIS A 84 -11.79 -26.02 10.28
N TRP A 85 -11.16 -25.60 11.39
CA TRP A 85 -9.73 -25.78 11.57
C TRP A 85 -9.37 -27.26 11.59
N VAL A 86 -8.14 -27.58 11.19
CA VAL A 86 -7.57 -28.91 11.37
C VAL A 86 -6.93 -28.95 12.74
N LEU A 87 -7.50 -29.72 13.65
CA LEU A 87 -7.07 -29.69 15.04
C LEU A 87 -5.87 -30.61 15.25
N PRO A 88 -4.80 -30.12 15.86
CA PRO A 88 -3.72 -31.03 16.29
C PRO A 88 -4.20 -31.94 17.42
N ALA A 89 -3.36 -32.91 17.74
CA ALA A 89 -3.70 -33.88 18.79
C ALA A 89 -3.75 -33.18 20.14
N GLY A 90 -4.75 -33.54 20.94
CA GLY A 90 -5.00 -32.89 22.21
C GLY A 90 -5.61 -31.51 22.13
N MET A 91 -5.74 -30.95 20.93
CA MET A 91 -6.28 -29.61 20.75
C MET A 91 -7.79 -29.69 20.59
N SER A 92 -8.51 -29.05 21.51
CA SER A 92 -9.96 -29.02 21.46
C SER A 92 -10.44 -28.00 20.44
N ALA A 93 -11.71 -28.12 20.04
CA ALA A 93 -12.33 -27.13 19.18
C ALA A 93 -12.86 -25.93 19.94
N LYS A 94 -13.18 -26.10 21.22
CA LYS A 94 -13.56 -24.98 22.07
C LYS A 94 -12.36 -24.16 22.54
N MET A 95 -11.15 -24.69 22.41
CA MET A 95 -9.95 -23.91 22.72
C MET A 95 -9.63 -22.91 21.63
N LEU A 96 -9.96 -23.25 20.37
CA LEU A 96 -9.83 -22.34 19.24
C LEU A 96 -11.13 -21.60 18.94
N GLY A 97 -12.03 -21.48 19.92
CA GLY A 97 -13.36 -20.98 19.65
C GLY A 97 -13.42 -19.51 19.32
N GLY A 98 -12.53 -18.71 19.92
CA GLY A 98 -12.51 -17.28 19.61
C GLY A 98 -11.89 -17.03 18.26
N VAL A 99 -12.58 -16.26 17.43
CA VAL A 99 -12.19 -15.99 16.04
C VAL A 99 -11.90 -14.51 15.89
N PHE A 100 -10.68 -14.19 15.44
CA PHE A 100 -10.32 -12.83 15.07
C PHE A 100 -10.44 -12.68 13.56
N LYS A 101 -10.89 -11.50 13.13
CA LYS A 101 -10.80 -11.11 11.73
C LYS A 101 -9.47 -10.42 11.47
N ILE A 102 -8.84 -10.73 10.34
CA ILE A 102 -7.54 -10.19 9.98
C ILE A 102 -7.54 -9.77 8.52
N ASP A 103 -6.74 -8.74 8.20
CA ASP A 103 -6.47 -8.30 6.84
C ASP A 103 -5.03 -8.62 6.53
N TRP A 104 -4.82 -9.41 5.47
CA TRP A 104 -3.48 -9.77 5.08
C TRP A 104 -2.73 -8.57 4.52
N ILE A 105 -1.48 -8.41 4.94
CA ILE A 105 -0.61 -7.37 4.40
C ILE A 105 0.39 -7.98 3.44
N CYS A 106 0.76 -9.25 3.68
CA CYS A 106 1.71 -9.97 2.83
C CYS A 106 1.38 -11.46 2.94
N ARG A 107 1.10 -12.11 1.81
CA ARG A 107 0.86 -13.54 1.80
C ARG A 107 2.05 -14.34 1.30
N ARG A 108 3.19 -13.68 1.11
CA ARG A 108 4.42 -14.30 0.63
C ARG A 108 5.21 -14.90 1.79
N GLU A 109 6.05 -15.88 1.46
CA GLU A 109 6.91 -16.57 2.41
C GLU A 109 8.21 -15.79 2.61
N LEU A 110 8.81 -15.98 3.79
CA LEU A 110 10.19 -15.56 4.06
C LEU A 110 10.93 -16.65 4.82
N PRO A 111 12.01 -17.20 4.25
CA PRO A 111 12.78 -18.22 4.97
C PRO A 111 13.48 -17.66 6.20
N PHE A 112 13.56 -18.49 7.23
CA PHE A 112 14.23 -18.11 8.48
C PHE A 112 15.67 -17.66 8.22
N THR A 113 16.32 -18.25 7.22
CA THR A 113 17.69 -17.84 6.94
C THR A 113 17.79 -16.35 6.63
N LYS A 114 16.72 -15.71 6.19
CA LYS A 114 16.77 -14.31 5.82
C LYS A 114 16.60 -13.37 7.01
N SER A 115 16.17 -13.88 8.17
CA SER A 115 15.97 -13.05 9.35
C SER A 115 16.99 -13.35 10.43
N ALA A 116 18.08 -14.04 10.08
CA ALA A 116 19.02 -14.45 11.10
C ALA A 116 19.74 -13.28 11.75
N HIS A 117 19.70 -12.10 11.17
CA HIS A 117 20.32 -10.90 11.75
C HIS A 117 19.40 -10.13 12.69
N LEU A 118 18.16 -10.60 12.91
CA LEU A 118 17.19 -9.90 13.75
C LEU A 118 16.97 -10.68 15.03
N THR A 119 17.15 -10.01 16.17
CA THR A 119 16.93 -10.61 17.48
C THR A 119 15.81 -9.84 18.20
N ASN A 120 15.09 -10.55 19.07
CA ASN A 120 13.90 -10.00 19.73
C ASN A 120 14.21 -9.70 21.18
N PRO A 121 14.29 -8.43 21.58
CA PRO A 121 14.55 -8.12 23.00
C PRO A 121 13.56 -8.76 23.96
N TRP A 122 12.32 -8.99 23.55
CA TRP A 122 11.34 -9.58 24.46
C TRP A 122 11.44 -11.09 24.57
N ASN A 123 12.35 -11.73 23.81
CA ASN A 123 12.67 -13.14 24.01
C ASN A 123 14.19 -13.28 24.16
N GLU A 124 14.77 -12.55 25.12
CA GLU A 124 16.18 -12.71 25.49
C GLU A 124 17.14 -12.47 24.31
N HIS A 125 16.71 -11.70 23.31
CA HIS A 125 17.53 -11.42 22.12
C HIS A 125 17.88 -12.68 21.34
N LYS A 126 17.03 -13.69 21.43
CA LYS A 126 17.14 -14.83 20.54
C LYS A 126 16.69 -14.41 19.14
N PRO A 127 17.15 -15.12 18.10
CA PRO A 127 16.69 -14.82 16.74
C PRO A 127 15.16 -14.80 16.71
N VAL A 128 14.63 -13.86 15.93
CA VAL A 128 13.20 -13.60 15.93
C VAL A 128 12.39 -14.84 15.52
N LYS A 129 12.98 -15.72 14.70
CA LYS A 129 12.31 -16.97 14.38
C LYS A 129 12.01 -17.82 15.62
N ILE A 130 12.70 -17.59 16.74
CA ILE A 130 12.53 -18.40 17.93
C ILE A 130 11.48 -17.77 18.84
N GLY A 131 10.52 -18.57 19.24
CA GLY A 131 9.50 -18.09 20.14
C GLY A 131 8.30 -19.01 20.12
N ARG A 132 7.57 -19.03 21.23
CA ARG A 132 6.33 -19.76 21.32
C ARG A 132 5.22 -19.00 20.62
N ASP A 133 4.17 -19.73 20.28
CA ASP A 133 2.96 -19.11 19.77
C ASP A 133 2.54 -17.97 20.69
N GLY A 134 2.36 -16.79 20.11
CA GLY A 134 1.93 -15.60 20.83
C GLY A 134 3.04 -14.70 21.34
N GLN A 135 4.30 -15.07 21.14
CA GLN A 135 5.40 -14.27 21.66
C GLN A 135 5.39 -12.88 21.04
N GLU A 136 5.40 -11.85 21.88
CA GLU A 136 5.48 -10.50 21.35
C GLU A 136 6.86 -10.18 20.80
N ILE A 137 6.89 -9.47 19.67
CA ILE A 137 8.13 -8.99 19.06
C ILE A 137 8.21 -7.48 19.23
N GLU A 138 9.33 -7.00 19.78
CA GLU A 138 9.54 -5.57 19.97
C GLU A 138 9.45 -4.79 18.65
N LEU A 139 9.04 -3.52 18.75
CA LEU A 139 8.70 -2.68 17.60
C LEU A 139 9.77 -2.68 16.51
N GLU A 140 11.02 -2.36 16.86
CA GLU A 140 12.04 -2.21 15.83
C GLU A 140 12.33 -3.54 15.14
N CYS A 141 12.42 -4.63 15.91
CA CYS A 141 12.64 -5.96 15.33
C CYS A 141 11.47 -6.36 14.42
N GLY A 142 10.24 -6.17 14.91
CA GLY A 142 9.07 -6.52 14.12
C GLY A 142 8.98 -5.72 12.84
N THR A 143 9.26 -4.42 12.91
CA THR A 143 9.22 -3.58 11.71
C THR A 143 10.22 -4.07 10.67
N GLN A 144 11.46 -4.28 11.10
CA GLN A 144 12.48 -4.76 10.17
C GLN A 144 12.16 -6.15 9.63
N LEU A 145 11.57 -7.02 10.46
CA LEU A 145 11.18 -8.34 9.97
C LEU A 145 10.15 -8.23 8.87
N CYS A 146 9.11 -7.43 9.09
CA CYS A 146 8.08 -7.27 8.07
C CYS A 146 8.65 -6.67 6.80
N LEU A 147 9.66 -5.81 6.93
CA LEU A 147 10.24 -5.17 5.75
C LEU A 147 11.08 -6.13 4.93
N LEU A 148 11.45 -7.28 5.49
CA LEU A 148 12.24 -8.28 4.76
C LEU A 148 11.39 -9.11 3.80
N PHE A 149 10.09 -9.21 4.04
CA PHE A 149 9.25 -10.04 3.19
C PHE A 149 9.25 -9.49 1.76
N PRO A 150 9.17 -10.37 0.76
CA PRO A 150 8.97 -9.88 -0.59
C PRO A 150 7.72 -9.04 -0.66
N PRO A 151 7.69 -8.02 -1.51
CA PRO A 151 6.45 -7.25 -1.64
C PRO A 151 5.34 -8.09 -2.24
N ASP A 152 4.12 -7.92 -1.71
CA ASP A 152 2.95 -8.62 -2.20
C ASP A 152 2.13 -7.64 -3.03
N GLU A 153 2.41 -7.60 -4.34
CA GLU A 153 1.79 -6.62 -5.23
C GLU A 153 0.31 -6.90 -5.48
N SER A 154 -0.22 -8.01 -4.96
CA SER A 154 -1.65 -8.28 -5.06
C SER A 154 -2.47 -7.60 -3.97
N ILE A 155 -1.84 -6.92 -3.02
CA ILE A 155 -2.55 -6.30 -1.91
C ILE A 155 -2.42 -4.79 -2.03
N ASP A 156 -3.54 -4.08 -1.89
CA ASP A 156 -3.57 -2.62 -1.91
C ASP A 156 -3.73 -2.16 -0.46
N LEU A 157 -2.69 -1.53 0.08
CA LEU A 157 -2.74 -1.08 1.47
C LEU A 157 -3.67 0.11 1.71
N TYR A 158 -4.25 0.69 0.64
CA TYR A 158 -5.17 1.82 0.80
C TYR A 158 -6.34 1.49 1.73
N GLN A 159 -6.99 0.35 1.53
CA GLN A 159 -8.12 0.01 2.39
C GLN A 159 -7.69 -0.25 3.83
N VAL A 160 -6.49 -0.83 4.01
CA VAL A 160 -5.97 -1.09 5.35
C VAL A 160 -5.79 0.22 6.12
N ILE A 161 -5.23 1.23 5.46
CA ILE A 161 -4.95 2.52 6.08
C ILE A 161 -6.23 3.17 6.60
N HIS A 162 -7.35 2.98 5.90
CA HIS A 162 -8.59 3.64 6.30
C HIS A 162 -9.17 3.06 7.58
N LYS A 163 -8.81 1.83 7.94
CA LYS A 163 -9.33 1.19 9.15
C LYS A 163 -8.55 1.61 10.40
N MET A 164 -7.47 2.36 10.24
CA MET A 164 -6.69 2.83 11.38
C MET A 164 -7.27 4.13 11.94
N GLY B 1 -13.49 30.16 -7.04
CA GLY B 1 -13.85 29.39 -8.21
C GLY B 1 -13.34 27.97 -8.18
N THR B 2 -13.35 27.35 -7.00
CA THR B 2 -12.83 26.01 -6.83
C THR B 2 -13.91 24.93 -6.77
N SER B 3 -15.19 25.29 -6.93
CA SER B 3 -16.26 24.31 -6.75
C SER B 3 -16.07 23.11 -7.68
N LYS B 4 -15.80 23.37 -8.97
CA LYS B 4 -15.66 22.26 -9.90
C LYS B 4 -14.45 21.41 -9.55
N LEU B 5 -13.32 22.05 -9.25
CA LEU B 5 -12.11 21.28 -8.96
C LEU B 5 -12.28 20.48 -7.68
N LYS B 6 -12.91 21.07 -6.66
CA LYS B 6 -13.14 20.34 -5.41
C LYS B 6 -14.05 19.14 -5.63
N TYR B 7 -15.02 19.25 -6.54
CA TYR B 7 -15.86 18.11 -6.89
C TYR B 7 -15.03 17.01 -7.53
N VAL B 8 -14.13 17.37 -8.45
CA VAL B 8 -13.27 16.38 -9.09
C VAL B 8 -12.38 15.65 -8.07
N LEU B 9 -11.91 16.35 -7.05
CA LEU B 9 -10.95 15.80 -6.10
C LEU B 9 -11.59 15.14 -4.88
N GLN B 10 -12.89 15.21 -4.74
CA GLN B 10 -13.53 14.54 -3.62
C GLN B 10 -13.29 13.04 -3.72
N ASP B 11 -12.73 12.47 -2.66
CA ASP B 11 -12.52 11.03 -2.55
C ASP B 11 -11.51 10.51 -3.57
N ALA B 12 -10.60 11.38 -3.99
CA ALA B 12 -9.60 11.00 -4.97
C ALA B 12 -8.42 10.29 -4.31
N ARG B 13 -7.69 9.52 -5.12
CA ARG B 13 -6.36 9.06 -4.74
C ARG B 13 -5.33 9.81 -5.59
N PHE B 14 -4.13 10.01 -5.05
CA PHE B 14 -3.15 10.88 -5.67
C PHE B 14 -1.82 10.14 -5.76
N PHE B 15 -1.16 10.23 -6.91
CA PHE B 15 0.15 9.62 -7.11
C PHE B 15 1.12 10.63 -7.73
N LEU B 16 2.32 10.68 -7.18
CA LEU B 16 3.41 11.43 -7.80
C LEU B 16 3.94 10.64 -8.98
N ILE B 17 4.08 11.32 -10.13
CA ILE B 17 4.72 10.77 -11.32
C ILE B 17 6.03 11.51 -11.50
N LYS B 18 7.13 10.77 -11.62
CA LYS B 18 8.42 11.39 -11.84
C LYS B 18 8.90 10.94 -13.22
N SER B 19 9.06 11.90 -14.13
CA SER B 19 9.55 11.61 -15.47
C SER B 19 11.03 11.95 -15.53
N ASN B 20 11.79 11.13 -16.24
CA ASN B 20 13.19 11.43 -16.40
C ASN B 20 13.46 12.52 -17.43
N ASN B 21 12.50 12.81 -18.31
CA ASN B 21 12.70 13.82 -19.34
C ASN B 21 11.46 14.70 -19.50
N HIS B 22 11.69 15.91 -19.98
CA HIS B 22 10.59 16.83 -20.27
C HIS B 22 9.81 16.38 -21.49
N GLU B 23 10.44 15.64 -22.40
CA GLU B 23 9.82 15.39 -23.71
C GLU B 23 8.56 14.57 -23.54
N ASN B 24 8.62 13.54 -22.68
CA ASN B 24 7.48 12.67 -22.51
C ASN B 24 6.33 13.38 -21.81
N VAL B 25 6.64 14.35 -20.93
CA VAL B 25 5.58 15.14 -20.32
C VAL B 25 4.91 16.03 -21.37
N SER B 26 5.71 16.64 -22.25
CA SER B 26 5.13 17.42 -23.36
C SER B 26 4.25 16.57 -24.24
N LEU B 27 4.76 15.40 -24.66
CA LEU B 27 3.94 14.46 -25.42
C LEU B 27 2.63 14.18 -24.71
N ALA B 28 2.72 13.85 -23.42
CA ALA B 28 1.57 13.45 -22.63
C ALA B 28 0.56 14.58 -22.48
N LYS B 29 1.06 15.81 -22.32
CA LYS B 29 0.19 16.98 -22.20
C LYS B 29 -0.63 17.20 -23.47
N ALA B 30 -0.04 16.96 -24.64
CA ALA B 30 -0.73 17.25 -25.89
C ALA B 30 -1.69 16.13 -26.24
N LYS B 31 -1.32 14.88 -25.98
CA LYS B 31 -2.05 13.72 -26.46
C LYS B 31 -2.96 13.07 -25.43
N GLY B 32 -2.77 13.35 -24.14
CA GLY B 32 -3.67 12.81 -23.14
C GLY B 32 -3.45 11.36 -22.81
N VAL B 33 -2.19 10.95 -22.67
CA VAL B 33 -1.84 9.57 -22.41
C VAL B 33 -0.65 9.58 -21.46
N TRP B 34 -0.51 8.47 -20.72
CA TRP B 34 0.66 8.24 -19.89
C TRP B 34 0.93 6.74 -19.81
N SER B 35 2.19 6.41 -19.65
CA SER B 35 2.67 5.05 -19.38
CA SER B 35 2.68 5.06 -19.40
C SER B 35 3.72 5.10 -18.28
N THR B 36 3.73 4.05 -17.44
CA THR B 36 4.68 3.94 -16.32
C THR B 36 5.21 2.51 -16.25
N LEU B 37 6.08 2.25 -15.26
CA LEU B 37 6.66 0.92 -15.05
C LEU B 37 5.62 -0.07 -14.53
N PRO B 38 5.87 -1.39 -14.65
CA PRO B 38 4.82 -2.36 -14.32
C PRO B 38 4.34 -2.35 -12.88
N VAL B 39 5.21 -2.06 -11.90
CA VAL B 39 4.76 -2.01 -10.52
C VAL B 39 3.81 -0.84 -10.25
N ASN B 40 4.14 0.36 -10.78
CA ASN B 40 3.17 1.46 -10.71
C ASN B 40 1.96 1.23 -11.59
N GLU B 41 2.14 0.60 -12.75
CA GLU B 41 0.99 0.32 -13.60
C GLU B 41 -0.07 -0.49 -12.85
N LYS B 42 0.36 -1.48 -12.07
CA LYS B 42 -0.58 -2.29 -11.28
C LYS B 42 -1.24 -1.45 -10.20
N LYS B 43 -0.45 -0.66 -9.47
CA LYS B 43 -1.00 0.20 -8.41
C LYS B 43 -2.04 1.15 -8.96
N LEU B 44 -1.77 1.73 -10.13
CA LEU B 44 -2.72 2.67 -10.71
C LEU B 44 -3.99 1.96 -11.19
N ASN B 45 -3.84 0.73 -11.71
CA ASN B 45 -5.03 -0.01 -12.12
C ASN B 45 -5.90 -0.37 -10.92
N LEU B 46 -5.30 -0.80 -9.82
CA LEU B 46 -6.06 -1.06 -8.60
C LEU B 46 -6.76 0.21 -8.13
N ALA B 47 -6.04 1.33 -8.13
CA ALA B 47 -6.61 2.59 -7.66
C ALA B 47 -7.76 3.05 -8.55
N PHE B 48 -7.61 2.90 -9.87
CA PHE B 48 -8.66 3.34 -10.79
C PHE B 48 -9.98 2.64 -10.51
N ARG B 49 -9.93 1.34 -10.20
CA ARG B 49 -11.13 0.57 -9.95
C ARG B 49 -11.74 0.83 -8.58
N SER B 50 -10.98 1.44 -7.66
CA SER B 50 -11.46 1.61 -6.29
C SER B 50 -11.82 3.04 -5.92
N ALA B 51 -11.46 4.02 -6.75
CA ALA B 51 -11.53 5.43 -6.38
C ALA B 51 -12.35 6.19 -7.41
N ARG B 52 -13.07 7.22 -6.95
CA ARG B 52 -13.87 8.02 -7.87
C ARG B 52 -12.99 8.81 -8.85
N SER B 53 -11.78 9.20 -8.42
CA SER B 53 -10.80 9.88 -9.26
C SER B 53 -9.42 9.41 -8.85
N VAL B 54 -8.56 9.17 -9.85
CA VAL B 54 -7.14 8.92 -9.61
C VAL B 54 -6.37 10.04 -10.29
N ILE B 55 -5.61 10.79 -9.50
CA ILE B 55 -4.92 11.98 -9.94
C ILE B 55 -3.43 11.69 -10.00
N LEU B 56 -2.80 12.02 -11.11
CA LEU B 56 -1.36 11.94 -11.29
C LEU B 56 -0.81 13.36 -11.23
N ILE B 57 0.17 13.58 -10.38
CA ILE B 57 0.80 14.88 -10.23
C ILE B 57 2.22 14.73 -10.74
N PHE B 58 2.58 15.47 -11.79
CA PHE B 58 3.80 15.23 -12.54
C PHE B 58 4.94 16.11 -12.08
N SER B 59 6.13 15.53 -11.95
CA SER B 59 7.34 16.29 -11.70
C SER B 59 8.50 15.68 -12.49
N VAL B 60 9.13 16.47 -13.34
CA VAL B 60 10.29 16.03 -14.11
C VAL B 60 11.52 16.01 -13.20
N ARG B 61 12.33 14.97 -13.32
CA ARG B 61 13.49 14.82 -12.45
C ARG B 61 14.40 16.03 -12.59
N GLU B 62 14.84 16.58 -11.46
CA GLU B 62 15.75 17.72 -11.34
C GLU B 62 15.15 19.06 -11.77
N SER B 63 13.86 19.12 -12.09
CA SER B 63 13.31 20.39 -12.55
C SER B 63 13.01 21.37 -11.41
N GLY B 64 12.91 20.90 -10.17
CA GLY B 64 12.48 21.78 -9.11
C GLY B 64 11.04 22.23 -9.16
N LYS B 65 10.21 21.60 -9.99
CA LYS B 65 8.81 22.01 -10.09
C LYS B 65 7.94 20.79 -10.35
N PHE B 66 6.64 20.99 -10.13
CA PHE B 66 5.61 20.16 -10.73
C PHE B 66 5.21 20.79 -12.05
N GLN B 67 4.88 19.95 -13.03
CA GLN B 67 4.49 20.42 -14.35
C GLN B 67 3.00 20.38 -14.60
N GLY B 68 2.22 19.84 -13.69
CA GLY B 68 0.78 19.76 -13.85
C GLY B 68 0.22 18.51 -13.21
N PHE B 69 -1.10 18.36 -13.36
CA PHE B 69 -1.76 17.16 -12.85
C PHE B 69 -2.93 16.79 -13.74
N ALA B 70 -3.28 15.51 -13.70
CA ALA B 70 -4.23 14.94 -14.63
C ALA B 70 -5.01 13.84 -13.92
N ARG B 71 -6.18 13.52 -14.47
CA ARG B 71 -7.03 12.46 -13.95
C ARG B 71 -7.02 11.27 -14.90
N LEU B 72 -6.80 10.07 -14.36
CA LEU B 72 -6.94 8.86 -15.17
C LEU B 72 -8.36 8.74 -15.71
N SER B 73 -8.49 8.50 -17.00
CA SER B 73 -9.79 8.25 -17.59
C SER B 73 -9.99 6.79 -17.99
N SER B 74 -8.96 5.98 -17.88
CA SER B 74 -9.00 4.56 -18.23
C SER B 74 -7.92 3.83 -17.44
N GLU B 75 -8.12 2.52 -17.26
CA GLU B 75 -7.02 1.67 -16.84
C GLU B 75 -6.02 1.52 -17.98
N SER B 76 -4.91 0.85 -17.71
CA SER B 76 -3.90 0.68 -18.73
C SER B 76 -4.39 -0.26 -19.81
N HIS B 77 -3.99 -0.01 -21.05
CA HIS B 77 -4.41 -0.81 -22.20
C HIS B 77 -3.15 -1.10 -23.02
N HIS B 78 -2.88 -2.37 -23.27
CA HIS B 78 -1.77 -2.76 -24.13
C HIS B 78 -2.26 -2.97 -25.56
N GLY B 79 -1.31 -2.92 -26.49
CA GLY B 79 -1.64 -3.23 -27.88
C GLY B 79 -2.43 -2.19 -28.61
N GLY B 80 -2.52 -0.97 -28.08
CA GLY B 80 -3.13 0.13 -28.81
C GLY B 80 -2.15 0.74 -29.79
N SER B 81 -2.46 1.97 -30.21
CA SER B 81 -1.56 2.69 -31.10
C SER B 81 -0.25 2.97 -30.38
N PRO B 82 0.90 2.68 -31.00
CA PRO B 82 2.18 2.80 -30.28
C PRO B 82 2.56 4.23 -29.95
N ILE B 83 2.53 4.61 -28.68
CA ILE B 83 3.04 5.91 -28.28
C ILE B 83 4.56 5.88 -28.36
N HIS B 84 5.13 6.85 -29.07
CA HIS B 84 6.56 6.86 -29.34
C HIS B 84 7.27 7.66 -28.25
N TRP B 85 7.21 7.12 -27.04
CA TRP B 85 7.88 7.75 -25.92
C TRP B 85 9.35 7.91 -26.22
N VAL B 86 9.94 8.99 -25.69
CA VAL B 86 11.38 9.19 -25.67
C VAL B 86 11.94 8.35 -24.51
N LEU B 87 12.72 7.32 -24.85
CA LEU B 87 13.01 6.40 -23.75
C LEU B 87 14.33 6.76 -23.07
N PRO B 88 14.38 6.65 -21.74
CA PRO B 88 15.66 6.80 -21.05
C PRO B 88 16.54 5.58 -21.25
N ALA B 89 17.82 5.75 -20.92
CA ALA B 89 18.80 4.70 -21.14
C ALA B 89 18.43 3.46 -20.32
N GLY B 90 18.59 2.29 -20.94
CA GLY B 90 18.23 1.05 -20.28
C GLY B 90 16.75 0.80 -20.15
N MET B 91 15.92 1.50 -20.94
CA MET B 91 14.48 1.33 -20.91
C MET B 91 14.01 0.94 -22.31
N SER B 92 13.21 -0.11 -22.39
CA SER B 92 12.61 -0.54 -23.64
C SER B 92 11.15 -0.13 -23.68
N ALA B 93 10.61 -0.04 -24.89
CA ALA B 93 9.19 0.30 -25.05
C ALA B 93 8.29 -0.70 -24.32
N LYS B 94 8.69 -1.97 -24.26
CA LYS B 94 7.88 -2.98 -23.60
C LYS B 94 7.73 -2.71 -22.11
N MET B 95 8.71 -2.04 -21.50
CA MET B 95 8.60 -1.68 -20.09
C MET B 95 7.56 -0.60 -19.86
N LEU B 96 7.19 0.15 -20.89
CA LEU B 96 6.17 1.19 -20.83
C LEU B 96 4.98 0.84 -21.70
N GLY B 97 4.63 -0.45 -21.74
CA GLY B 97 3.67 -0.92 -22.73
C GLY B 97 2.23 -0.58 -22.44
N GLY B 98 1.85 -0.47 -21.17
CA GLY B 98 0.48 -0.10 -20.83
C GLY B 98 0.28 1.39 -21.00
N VAL B 99 -0.79 1.77 -21.70
CA VAL B 99 -1.11 3.17 -21.96
C VAL B 99 -2.37 3.52 -21.19
N PHE B 100 -2.27 4.53 -20.33
CA PHE B 100 -3.43 5.10 -19.64
C PHE B 100 -3.87 6.33 -20.42
N LYS B 101 -5.18 6.48 -20.57
CA LYS B 101 -5.73 7.73 -21.06
C LYS B 101 -5.93 8.65 -19.86
N ILE B 102 -5.56 9.92 -20.03
CA ILE B 102 -5.59 10.90 -18.93
C ILE B 102 -6.20 12.20 -19.45
N ASP B 103 -6.94 12.87 -18.58
CA ASP B 103 -7.50 14.18 -18.85
C ASP B 103 -6.75 15.18 -17.97
N TRP B 104 -6.05 16.10 -18.61
CA TRP B 104 -5.29 17.09 -17.86
C TRP B 104 -6.23 18.04 -17.14
N ILE B 105 -5.91 18.33 -15.88
CA ILE B 105 -6.67 19.30 -15.09
C ILE B 105 -5.90 20.61 -15.02
N CYS B 106 -4.58 20.53 -15.01
CA CYS B 106 -3.77 21.73 -15.04
C CYS B 106 -2.46 21.36 -15.73
N ARG B 107 -2.05 22.16 -16.71
CA ARG B 107 -0.80 21.92 -17.42
C ARG B 107 0.23 23.00 -17.08
N ARG B 108 -0.04 23.80 -16.06
CA ARG B 108 0.87 24.87 -15.65
C ARG B 108 1.76 24.43 -14.50
N GLU B 109 2.92 25.07 -14.41
CA GLU B 109 3.94 24.62 -13.47
C GLU B 109 3.65 25.16 -12.08
N LEU B 110 4.07 24.38 -11.09
CA LEU B 110 4.05 24.81 -9.69
C LEU B 110 5.45 24.57 -9.13
N PRO B 111 6.21 25.61 -8.82
CA PRO B 111 7.55 25.39 -8.26
C PRO B 111 7.48 24.81 -6.85
N PHE B 112 8.48 23.98 -6.52
CA PHE B 112 8.54 23.36 -5.21
C PHE B 112 8.50 24.40 -4.10
N THR B 113 8.93 25.65 -4.37
CA THR B 113 8.90 26.71 -3.37
C THR B 113 7.48 27.03 -2.90
N LYS B 114 6.47 26.82 -3.74
CA LYS B 114 5.09 27.10 -3.36
C LYS B 114 4.42 25.96 -2.61
N SER B 115 5.05 24.79 -2.53
CA SER B 115 4.48 23.65 -1.83
C SER B 115 5.26 23.26 -0.59
N ALA B 116 6.18 24.12 -0.12
CA ALA B 116 7.06 23.75 0.97
C ALA B 116 6.33 23.55 2.29
N HIS B 117 5.12 24.06 2.43
CA HIS B 117 4.41 23.90 3.70
C HIS B 117 3.62 22.59 3.77
N LEU B 118 3.50 21.84 2.67
CA LEU B 118 2.68 20.64 2.65
C LEU B 118 3.56 19.41 2.83
N THR B 119 3.15 18.52 3.74
CA THR B 119 3.83 17.27 4.01
C THR B 119 2.88 16.10 3.83
N ASN B 120 3.42 14.99 3.34
CA ASN B 120 2.65 13.80 3.03
C ASN B 120 2.76 12.82 4.19
N PRO B 121 1.68 12.54 4.92
CA PRO B 121 1.77 11.59 6.04
C PRO B 121 2.17 10.18 5.62
N TRP B 122 1.86 9.77 4.39
CA TRP B 122 2.15 8.43 3.90
C TRP B 122 3.55 8.34 3.30
N ASN B 123 4.35 9.39 3.43
CA ASN B 123 5.78 9.36 3.16
C ASN B 123 6.52 9.99 4.33
N GLU B 124 6.24 9.49 5.54
CA GLU B 124 6.96 9.88 6.76
C GLU B 124 6.89 11.37 7.05
N HIS B 125 5.81 12.03 6.62
CA HIS B 125 5.59 13.47 6.88
C HIS B 125 6.66 14.35 6.26
N LYS B 126 7.32 13.86 5.21
CA LYS B 126 8.28 14.65 4.45
C LYS B 126 7.55 15.60 3.50
N PRO B 127 8.19 16.71 3.10
CA PRO B 127 7.55 17.62 2.16
C PRO B 127 7.17 16.90 0.88
N VAL B 128 6.02 17.30 0.32
CA VAL B 128 5.36 16.53 -0.72
C VAL B 128 6.19 16.51 -2.00
N LYS B 129 7.09 17.48 -2.18
CA LYS B 129 8.00 17.44 -3.32
C LYS B 129 8.87 16.19 -3.30
N ILE B 130 9.10 15.62 -2.11
CA ILE B 130 10.00 14.48 -1.97
C ILE B 130 9.21 13.19 -2.23
N GLY B 131 9.68 12.39 -3.17
CA GLY B 131 9.13 11.06 -3.37
C GLY B 131 9.58 10.48 -4.69
N ARG B 132 9.33 9.17 -4.83
CA ARG B 132 9.68 8.42 -6.03
C ARG B 132 8.50 8.35 -6.99
N ASP B 133 8.78 7.98 -8.24
CA ASP B 133 7.74 7.71 -9.23
C ASP B 133 6.73 6.72 -8.67
N GLY B 134 5.48 7.15 -8.61
CA GLY B 134 4.41 6.31 -8.10
C GLY B 134 4.10 6.50 -6.63
N GLN B 135 4.78 7.41 -5.93
CA GLN B 135 4.55 7.56 -4.49
C GLN B 135 3.13 8.05 -4.25
N GLU B 136 2.39 7.35 -3.40
CA GLU B 136 1.02 7.77 -3.14
C GLU B 136 0.97 8.88 -2.10
N ILE B 137 0.10 9.86 -2.32
CA ILE B 137 -0.02 11.05 -1.48
C ILE B 137 -1.37 10.97 -0.78
N GLU B 138 -1.39 11.16 0.54
CA GLU B 138 -2.61 11.11 1.30
C GLU B 138 -3.61 12.15 0.80
N LEU B 139 -4.90 11.85 0.98
CA LEU B 139 -6.00 12.61 0.39
C LEU B 139 -5.90 14.11 0.68
N GLU B 140 -5.79 14.50 1.96
CA GLU B 140 -5.82 15.93 2.24
C GLU B 140 -4.58 16.64 1.72
N CYS B 141 -3.42 16.00 1.82
CA CYS B 141 -2.21 16.59 1.26
C CYS B 141 -2.33 16.72 -0.26
N GLY B 142 -2.81 15.67 -0.93
CA GLY B 142 -2.92 15.72 -2.37
C GLY B 142 -3.90 16.78 -2.83
N THR B 143 -5.02 16.91 -2.10
CA THR B 143 -6.01 17.92 -2.44
C THR B 143 -5.43 19.32 -2.31
N GLN B 144 -4.75 19.61 -1.19
CA GLN B 144 -4.17 20.94 -1.05
C GLN B 144 -3.07 21.20 -2.06
N LEU B 145 -2.28 20.19 -2.41
CA LEU B 145 -1.27 20.37 -3.45
C LEU B 145 -1.91 20.75 -4.78
N CYS B 146 -2.94 20.02 -5.21
CA CYS B 146 -3.64 20.37 -6.43
C CYS B 146 -4.23 21.77 -6.38
N LEU B 147 -4.69 22.20 -5.20
CA LEU B 147 -5.33 23.52 -5.12
C LEU B 147 -4.32 24.65 -5.25
N LEU B 148 -3.03 24.38 -5.05
CA LEU B 148 -1.97 25.37 -5.19
C LEU B 148 -1.71 25.77 -6.64
N PHE B 149 -2.02 24.89 -7.59
CA PHE B 149 -1.69 25.17 -8.98
C PHE B 149 -2.51 26.36 -9.50
N PRO B 150 -1.92 27.16 -10.39
CA PRO B 150 -2.68 28.27 -10.97
C PRO B 150 -3.79 27.76 -11.86
N PRO B 151 -4.86 28.53 -12.04
CA PRO B 151 -5.90 28.12 -12.99
C PRO B 151 -5.33 28.03 -14.41
N ASP B 152 -5.79 27.01 -15.13
CA ASP B 152 -5.35 26.78 -16.51
C ASP B 152 -6.50 27.07 -17.47
N GLU B 153 -6.37 28.18 -18.20
CA GLU B 153 -7.38 28.64 -19.14
C GLU B 153 -7.45 27.79 -20.41
N SER B 154 -6.48 26.92 -20.65
CA SER B 154 -6.55 26.01 -21.78
C SER B 154 -7.41 24.79 -21.49
N ILE B 155 -7.81 24.60 -20.24
CA ILE B 155 -8.50 23.41 -19.78
C ILE B 155 -9.96 23.70 -19.54
N ASP B 156 -10.82 22.77 -19.97
CA ASP B 156 -12.25 22.79 -19.69
C ASP B 156 -12.57 21.55 -18.87
N LEU B 157 -13.01 21.73 -17.63
CA LEU B 157 -13.27 20.58 -16.78
C LEU B 157 -14.56 19.85 -17.15
N TYR B 158 -15.30 20.33 -18.14
CA TYR B 158 -16.62 19.78 -18.42
C TYR B 158 -16.54 18.30 -18.82
N GLN B 159 -15.58 17.93 -19.66
CA GLN B 159 -15.46 16.53 -20.06
C GLN B 159 -15.17 15.64 -18.87
N VAL B 160 -14.31 16.10 -17.97
CA VAL B 160 -13.96 15.32 -16.77
C VAL B 160 -15.19 15.11 -15.91
N ILE B 161 -15.92 16.18 -15.63
CA ILE B 161 -17.08 16.05 -14.75
C ILE B 161 -18.11 15.09 -15.34
N HIS B 162 -18.23 15.05 -16.67
CA HIS B 162 -19.17 14.12 -17.28
C HIS B 162 -18.70 12.67 -17.24
N LYS B 163 -17.39 12.44 -17.21
CA LYS B 163 -16.87 11.09 -17.04
C LYS B 163 -17.01 10.57 -15.62
N MET B 164 -17.40 11.44 -14.67
CA MET B 164 -17.66 11.02 -13.28
C MET B 164 -19.16 10.89 -13.05
C10 K1O C . 0.04 -24.68 20.48
C17 K1O C . -0.69 -27.13 21.15
C20 K1O C . -1.81 -23.69 16.51
C22 K1O C . -2.74 -25.07 14.56
C01 K1O C . -5.92 -22.24 14.11
C03 K1O C . -3.90 -23.03 15.32
C04 K1O C . -2.83 -22.82 16.41
C06 K1O C . -1.54 -22.18 18.05
C08 K1O C . 0.19 -23.99 17.94
C09 K1O C . -0.12 -25.04 19.01
C11 K1O C . -0.25 -25.73 21.55
C18 K1O C . -0.85 -27.49 19.67
C19 K1O C . -0.55 -26.44 18.60
N02 K1O C . -4.99 -22.10 15.22
N05 K1O C . -2.66 -21.88 17.35
N07 K1O C . -1.02 -23.30 17.52
N21 K1O C . -1.72 -24.87 15.58
N24 K1O C . -3.82 -24.14 14.44
CL23 K1O C . -2.62 -26.47 13.47
C1 K1O C . -0.09 -25.38 23.02
S SO4 D . 3.44 3.33 -2.01
O1 SO4 D . 3.45 3.78 -0.62
O2 SO4 D . 2.45 4.04 -2.80
O3 SO4 D . 3.12 1.89 -2.06
O4 SO4 D . 4.78 3.51 -2.57
S SO4 E . 0.06 -32.23 15.69
O1 SO4 E . 0.49 -31.87 17.03
O2 SO4 E . -1.11 -33.10 15.78
O3 SO4 E . -0.29 -31.02 14.93
O4 SO4 E . 1.14 -32.91 14.99
C10 K1O F . 11.42 5.21 -13.25
C17 K1O F . 13.18 3.57 -14.35
C20 K1O F . 9.63 7.73 -16.52
C22 K1O F . 10.26 8.93 -18.61
C01 K1O F . 6.40 7.66 -20.34
C03 K1O F . 8.10 7.73 -18.50
C04 K1O F . 8.46 7.33 -17.08
C06 K1O F . 8.54 6.58 -15.07
C08 K1O F . 10.80 7.48 -14.37
C09 K1O F . 11.61 6.19 -14.39
C11 K1O F . 12.20 3.90 -13.22
C18 K1O F . 13.38 4.56 -15.49
C19 K1O F . 12.60 5.87 -15.51
N02 K1O F . 6.86 7.26 -19.02
N05 K1O F . 7.77 6.62 -16.18
N07 K1O F . 9.68 7.27 -15.29
N21 K1O F . 10.61 8.56 -17.24
N24 K1O F . 9.03 8.50 -19.22
CL23 K1O F . 11.42 9.91 -19.52
C1 K1O F . 11.94 2.94 -12.06
N4 K1O F . 11.81 1.61 -12.12
N3 K1O F . 11.58 1.14 -10.88
N2 K1O F . 11.56 2.19 -10.05
N1 K1O F . 11.78 3.31 -10.78
S SO4 G . 3.14 27.94 -17.21
O1 SO4 G . 2.41 28.58 -16.13
O2 SO4 G . 2.23 27.66 -18.31
O3 SO4 G . 3.75 26.68 -16.76
O4 SO4 G . 4.20 28.82 -17.67
S SO4 H . -16.67 28.12 -13.33
O1 SO4 H . -16.02 28.78 -12.20
O2 SO4 H . -17.65 27.15 -12.85
O3 SO4 H . -17.34 29.13 -14.16
O4 SO4 H . -15.69 27.40 -14.12
S SO4 I . -1.80 34.38 -14.38
O1 SO4 I . -2.48 35.68 -14.29
O2 SO4 I . -1.45 33.92 -13.04
O3 SO4 I . -0.57 34.53 -15.15
O4 SO4 I . -2.69 33.42 -15.03
S SO4 J . 14.29 14.68 -8.34
O1 SO4 J . 13.45 15.68 -8.96
O2 SO4 J . 13.82 14.53 -6.99
O3 SO4 J . 14.16 13.45 -9.16
O4 SO4 J . 15.72 14.88 -8.43
#